data_6W3Y
#
_entry.id   6W3Y
#
_cell.length_a   42.565
_cell.length_b   137.618
_cell.length_c   49.118
_cell.angle_alpha   90.000
_cell.angle_beta   94.720
_cell.angle_gamma   90.000
#
_symmetry.space_group_name_H-M   'P 1 21 1'
#
loop_
_entity.id
_entity.type
_entity.pdbx_description
1 polymer 'Methyl-accepting chemotaxis protein'
2 non-polymer ALANINE
3 non-polymer GLYCEROL
4 non-polymer 'SULFATE ION'
5 non-polymer 'CHLORIDE ION'
6 water water
#
_entity_poly.entity_id   1
_entity_poly.type   'polypeptide(L)'
_entity_poly.pdbx_seq_one_letter_code
;GIDPFTKTSLYESTLKNQTDLLKVTQSTVEDFRSTNQSFTRALEKDIANLPYQSLITEENIINNVGPILKYYRHSINALN
VYLGLNNGKVLLSQKSNDAKMPELRDDLDIKTKDWYQEALKTNDIFVTPAYLDTVLKQYVITYSKAIYKDGKIIGVLGVD
IPSEDLQNLVAKTPGNTFLFDQKNKIFAATNKELLNPSIDHSPVLNAYKLNGDNNFFSYKLNNEERLGACTKVFAYTACI
TESADIINKPIYKA
;
_entity_poly.pdbx_strand_id   A,B
#
# COMPACT_ATOMS: atom_id res chain seq x y z
N GLY A 1 4.81 21.99 -32.94
CA GLY A 1 4.69 22.92 -34.11
C GLY A 1 5.43 24.23 -33.90
N ILE A 2 4.97 25.27 -34.57
CA ILE A 2 5.66 26.55 -34.49
C ILE A 2 4.81 27.62 -33.79
N ASP A 3 3.49 27.66 -34.00
CA ASP A 3 2.73 28.82 -33.46
C ASP A 3 2.86 28.79 -31.94
N PRO A 4 3.26 29.92 -31.35
CA PRO A 4 3.49 29.90 -29.89
C PRO A 4 2.30 29.44 -29.08
N PHE A 5 1.09 29.69 -29.56
CA PHE A 5 -0.11 29.27 -28.82
C PHE A 5 -0.13 27.74 -28.72
N THR A 6 0.20 27.09 -29.81
CA THR A 6 0.22 25.63 -29.84
C THR A 6 1.35 25.08 -28.97
N LYS A 7 2.54 25.66 -29.04
CA LYS A 7 3.65 25.17 -28.26
C LYS A 7 3.34 25.33 -26.77
N THR A 8 2.77 26.47 -26.39
CA THR A 8 2.36 26.69 -25.01
C THR A 8 1.33 25.67 -24.55
N SER A 9 0.36 25.31 -25.42
CA SER A 9 -0.62 24.31 -25.04
C SER A 9 0.03 22.95 -24.76
N LEU A 10 1.00 22.59 -25.60
CA LEU A 10 1.69 21.31 -25.46
C LEU A 10 2.55 21.30 -24.22
N TYR A 11 3.21 22.42 -23.95
CA TYR A 11 4.08 22.55 -22.78
C TYR A 11 3.26 22.47 -21.49
N GLU A 12 2.13 23.16 -21.47
CA GLU A 12 1.32 23.14 -20.27
C GLU A 12 0.74 21.76 -20.00
N SER A 13 0.33 21.06 -21.06
CA SER A 13 -0.21 19.73 -20.92
C SER A 13 0.84 18.78 -20.38
N THR A 14 2.03 18.80 -20.97
CA THR A 14 3.01 17.81 -20.60
C THR A 14 3.56 18.08 -19.19
N LEU A 15 3.63 19.36 -18.83
CA LEU A 15 3.99 19.75 -17.47
C LEU A 15 3.02 19.13 -16.46
N LYS A 16 1.73 19.29 -16.68
CA LYS A 16 0.72 18.67 -15.80
C LYS A 16 0.86 17.15 -15.75
N ASN A 17 1.07 16.51 -16.90
N ASN A 17 0.97 16.52 -16.92
CA ASN A 17 1.13 15.05 -16.90
CA ASN A 17 1.12 15.07 -17.02
C ASN A 17 2.35 14.53 -16.18
C ASN A 17 2.30 14.64 -16.12
N GLN A 18 3.48 15.17 -16.44
CA GLN A 18 4.70 14.71 -15.82
C GLN A 18 4.74 15.00 -14.32
N THR A 19 4.16 16.13 -13.93
N THR A 19 4.17 16.10 -13.88
CA THR A 19 3.99 16.48 -12.53
CA THR A 19 4.11 16.37 -12.45
C THR A 19 3.13 15.39 -11.84
C THR A 19 3.02 15.52 -11.73
N ASP A 20 1.99 15.04 -12.45
CA ASP A 20 1.11 14.00 -11.90
C ASP A 20 1.91 12.73 -11.64
N LEU A 21 2.66 12.30 -12.65
CA LEU A 21 3.40 11.07 -12.54
C LEU A 21 4.50 11.15 -11.50
N LEU A 22 5.16 12.28 -11.38
CA LEU A 22 6.16 12.44 -10.32
C LEU A 22 5.49 12.27 -8.96
N LYS A 23 4.32 12.87 -8.79
N LYS A 23 4.31 12.86 -8.80
CA LYS A 23 3.60 12.76 -7.55
CA LYS A 23 3.58 12.76 -7.55
C LYS A 23 3.23 11.32 -7.20
C LYS A 23 3.21 11.32 -7.20
N VAL A 24 2.87 10.51 -8.20
CA VAL A 24 2.61 9.10 -7.94
C VAL A 24 3.84 8.41 -7.36
N THR A 25 5.02 8.70 -7.87
CA THR A 25 6.24 8.15 -7.33
C THR A 25 6.54 8.69 -5.92
N GLN A 26 6.29 9.96 -5.69
CA GLN A 26 6.37 10.50 -4.34
C GLN A 26 5.43 9.75 -3.38
N SER A 27 4.17 9.56 -3.77
CA SER A 27 3.19 8.91 -2.94
C SER A 27 3.64 7.48 -2.62
N THR A 28 4.25 6.81 -3.61
CA THR A 28 4.68 5.45 -3.44
C THR A 28 5.68 5.38 -2.27
N VAL A 29 6.63 6.28 -2.26
CA VAL A 29 7.66 6.29 -1.24
C VAL A 29 7.03 6.64 0.11
N GLU A 30 6.15 7.64 0.13
CA GLU A 30 5.45 8.02 1.36
C GLU A 30 4.67 6.88 1.96
N ASP A 31 3.91 6.16 1.13
CA ASP A 31 3.02 5.12 1.63
C ASP A 31 3.79 3.92 2.15
N PHE A 32 4.89 3.61 1.48
CA PHE A 32 5.79 2.55 1.97
C PHE A 32 6.28 2.88 3.38
N ARG A 33 6.78 4.10 3.57
CA ARG A 33 7.29 4.50 4.88
C ARG A 33 6.18 4.51 5.94
N SER A 34 5.04 5.11 5.59
N SER A 34 5.02 5.08 5.63
N SER A 34 5.04 5.10 5.62
CA SER A 34 3.94 5.25 6.55
CA SER A 34 3.98 5.23 6.68
CA SER A 34 3.97 5.21 6.61
C SER A 34 3.44 3.88 7.02
C SER A 34 3.39 3.87 7.04
C SER A 34 3.46 3.84 7.04
N THR A 35 3.28 2.93 6.09
CA THR A 35 2.82 1.60 6.44
C THR A 35 3.78 0.95 7.43
N ASN A 36 5.07 1.04 7.14
CA ASN A 36 6.08 0.45 8.01
C ASN A 36 6.14 1.13 9.38
N GLN A 37 5.94 2.45 9.43
CA GLN A 37 5.87 3.17 10.71
C GLN A 37 4.65 2.76 11.52
N SER A 38 3.50 2.65 10.86
N SER A 38 3.48 2.62 10.90
CA SER A 38 2.31 2.22 11.62
CA SER A 38 2.30 2.22 11.69
C SER A 38 2.53 0.85 12.24
C SER A 38 2.41 0.80 12.22
N PHE A 39 3.06 -0.08 11.45
CA PHE A 39 3.35 -1.42 11.91
C PHE A 39 4.26 -1.40 13.13
N THR A 40 5.33 -0.61 13.03
CA THR A 40 6.32 -0.53 14.10
C THR A 40 5.69 0.02 15.37
N ARG A 41 4.83 1.03 15.24
N ARG A 41 4.85 1.04 15.22
CA ARG A 41 4.16 1.60 16.39
CA ARG A 41 4.14 1.63 16.33
C ARG A 41 3.17 0.64 17.04
C ARG A 41 3.18 0.64 17.02
N ALA A 42 2.49 -0.16 16.20
CA ALA A 42 1.59 -1.16 16.77
C ALA A 42 2.37 -2.19 17.57
N LEU A 43 3.53 -2.60 17.06
CA LEU A 43 4.35 -3.59 17.74
C LEU A 43 4.89 -3.01 19.05
N GLU A 44 5.36 -1.77 19.03
CA GLU A 44 5.77 -1.10 20.27
C GLU A 44 4.66 -1.17 21.30
N LYS A 45 3.44 -0.85 20.89
CA LYS A 45 2.33 -0.80 21.85
C LYS A 45 2.07 -2.19 22.44
N ASP A 46 2.09 -3.26 21.61
CA ASP A 46 1.85 -4.59 22.12
C ASP A 46 2.94 -5.01 23.12
N ILE A 47 4.19 -4.65 22.85
CA ILE A 47 5.27 -5.02 23.76
C ILE A 47 5.16 -4.26 25.07
N ALA A 48 4.92 -2.96 24.99
CA ALA A 48 4.83 -2.12 26.20
C ALA A 48 3.63 -2.46 27.05
N ASN A 49 2.59 -3.04 26.46
N ASN A 49 2.62 -3.05 26.42
CA ASN A 49 1.40 -3.41 27.22
CA ASN A 49 1.40 -3.45 27.10
C ASN A 49 1.57 -4.72 27.99
C ASN A 49 1.63 -4.64 28.03
N LEU A 50 2.66 -5.43 27.78
CA LEU A 50 2.93 -6.60 28.63
C LEU A 50 3.20 -6.10 30.08
N PRO A 51 2.90 -6.93 31.11
CA PRO A 51 3.34 -6.58 32.46
C PRO A 51 4.84 -6.54 32.55
N TYR A 52 5.36 -5.77 33.51
CA TYR A 52 6.79 -5.75 33.71
C TYR A 52 7.34 -7.11 33.94
N GLN A 53 6.62 -7.97 34.67
CA GLN A 53 7.18 -9.28 34.96
C GLN A 53 7.58 -10.02 33.70
N SER A 54 6.84 -9.80 32.59
CA SER A 54 7.12 -10.47 31.33
C SER A 54 8.28 -9.91 30.55
N LEU A 55 8.77 -8.75 30.99
CA LEU A 55 9.78 -7.98 30.30
C LEU A 55 11.14 -7.92 30.99
N ILE A 56 11.20 -8.32 32.25
CA ILE A 56 12.36 -7.99 33.08
C ILE A 56 13.32 -9.15 33.30
N THR A 57 13.05 -10.32 32.74
CA THR A 57 14.07 -11.35 32.63
C THR A 57 14.20 -11.74 31.19
N GLU A 58 15.39 -12.17 30.82
CA GLU A 58 15.64 -12.58 29.45
C GLU A 58 14.81 -13.78 29.02
N GLU A 59 14.64 -14.77 29.88
CA GLU A 59 13.82 -15.92 29.54
C GLU A 59 12.40 -15.45 29.30
N ASN A 60 11.88 -14.58 30.18
CA ASN A 60 10.53 -14.11 29.98
C ASN A 60 10.37 -13.28 28.68
N ILE A 61 11.36 -12.49 28.32
CA ILE A 61 11.38 -11.75 27.04
C ILE A 61 11.30 -12.78 25.90
N ILE A 62 12.13 -13.82 25.95
CA ILE A 62 12.08 -14.84 24.91
C ILE A 62 10.66 -15.37 24.77
N ASN A 63 10.05 -15.76 25.89
CA ASN A 63 8.81 -16.51 25.82
C ASN A 63 7.59 -15.63 25.57
N ASN A 64 7.65 -14.38 26.02
CA ASN A 64 6.50 -13.48 25.92
C ASN A 64 6.59 -12.47 24.78
N VAL A 65 7.77 -11.91 24.54
CA VAL A 65 7.96 -11.00 23.41
C VAL A 65 8.24 -11.77 22.13
N GLY A 66 8.97 -12.87 22.19
CA GLY A 66 9.32 -13.62 21.00
C GLY A 66 8.14 -13.95 20.10
N PRO A 67 7.05 -14.47 20.67
CA PRO A 67 5.92 -14.81 19.76
C PRO A 67 5.38 -13.57 19.05
N ILE A 68 5.34 -12.44 19.74
CA ILE A 68 4.83 -11.21 19.15
C ILE A 68 5.70 -10.79 17.98
N LEU A 69 7.03 -10.84 18.17
CA LEU A 69 7.94 -10.48 17.08
C LEU A 69 7.67 -11.40 15.86
N LYS A 70 7.52 -12.67 16.10
CA LYS A 70 7.29 -13.67 15.06
C LYS A 70 5.99 -13.40 14.29
N TYR A 71 4.89 -13.22 15.01
CA TYR A 71 3.60 -13.00 14.34
C TYR A 71 3.67 -11.74 13.52
N TYR A 72 4.20 -10.67 14.12
CA TYR A 72 4.33 -9.43 13.38
C TYR A 72 5.21 -9.58 12.16
N ARG A 73 6.37 -10.23 12.29
CA ARG A 73 7.25 -10.47 11.16
C ARG A 73 6.48 -11.17 10.03
N HIS A 74 5.78 -12.23 10.35
CA HIS A 74 5.01 -12.98 9.35
C HIS A 74 3.94 -12.10 8.72
N SER A 75 3.25 -11.30 9.52
CA SER A 75 2.11 -10.54 9.03
C SER A 75 2.47 -9.65 7.86
N ILE A 76 3.69 -9.09 7.87
N ILE A 76 3.67 -9.09 7.84
CA ILE A 76 4.15 -8.12 6.84
CA ILE A 76 4.07 -8.24 6.71
C ILE A 76 5.26 -8.72 5.95
C ILE A 76 5.23 -8.77 5.88
N ASN A 77 5.68 -9.98 6.21
CA ASN A 77 6.82 -10.57 5.52
C ASN A 77 8.05 -9.69 5.66
N ALA A 78 8.32 -9.27 6.88
CA ALA A 78 9.57 -8.57 7.18
C ALA A 78 10.74 -9.55 7.14
N LEU A 79 11.96 -9.05 6.99
CA LEU A 79 13.14 -9.92 6.99
C LEU A 79 13.52 -10.33 8.44
N ASN A 80 13.58 -9.32 9.31
CA ASN A 80 13.93 -9.52 10.74
C ASN A 80 13.03 -8.60 11.56
N VAL A 81 12.70 -9.03 12.76
CA VAL A 81 12.02 -8.19 13.73
C VAL A 81 12.66 -8.54 15.07
N TYR A 82 13.09 -7.53 15.85
CA TYR A 82 13.98 -7.79 16.97
C TYR A 82 13.88 -6.72 18.03
N LEU A 83 14.41 -7.06 19.23
CA LEU A 83 14.42 -6.17 20.36
C LEU A 83 15.82 -6.20 20.95
N GLY A 84 16.49 -5.07 20.92
CA GLY A 84 17.83 -4.91 21.49
C GLY A 84 17.80 -4.37 22.90
N LEU A 85 18.60 -4.99 23.76
CA LEU A 85 18.62 -4.62 25.18
C LEU A 85 19.90 -3.93 25.59
N ASN A 86 19.86 -3.22 26.73
CA ASN A 86 21.00 -2.44 27.19
C ASN A 86 22.21 -3.31 27.58
N ASN A 87 22.01 -4.63 27.78
CA ASN A 87 23.14 -5.53 27.97
C ASN A 87 23.78 -6.04 26.69
N GLY A 88 23.37 -5.47 25.56
CA GLY A 88 23.92 -5.77 24.27
C GLY A 88 23.30 -6.95 23.54
N LYS A 89 22.40 -7.67 24.21
CA LYS A 89 21.75 -8.82 23.55
C LYS A 89 20.58 -8.35 22.72
N VAL A 90 20.22 -9.17 21.73
CA VAL A 90 19.08 -8.90 20.85
C VAL A 90 18.19 -10.13 20.80
N LEU A 91 16.90 -9.98 21.09
CA LEU A 91 15.94 -11.03 20.84
C LEU A 91 15.51 -10.93 19.37
N LEU A 92 15.85 -11.95 18.60
CA LEU A 92 15.77 -11.85 17.13
C LEU A 92 14.79 -12.86 16.55
N SER A 93 13.81 -12.37 15.78
CA SER A 93 12.99 -13.21 14.93
C SER A 93 13.39 -12.97 13.49
N GLN A 94 13.88 -14.00 12.81
CA GLN A 94 14.43 -13.85 11.47
C GLN A 94 13.74 -14.79 10.51
N LYS A 95 13.69 -14.39 9.25
CA LYS A 95 13.17 -15.26 8.21
C LYS A 95 14.14 -16.45 8.05
N SER A 96 13.61 -17.65 7.84
CA SER A 96 14.47 -18.83 7.61
C SER A 96 13.72 -19.95 6.90
N ASP A 98 14.42 -22.04 9.72
CA ASP A 98 13.50 -23.16 9.49
C ASP A 98 12.48 -23.24 10.62
N ALA A 99 11.73 -22.16 10.82
CA ALA A 99 10.66 -22.09 11.82
C ALA A 99 11.16 -22.16 13.28
N LYS A 100 12.47 -22.04 13.47
CA LYS A 100 13.06 -22.09 14.82
C LYS A 100 12.65 -20.85 15.60
N MET A 101 12.38 -21.02 16.90
CA MET A 101 11.93 -19.91 17.74
C MET A 101 12.91 -18.73 17.75
N PRO A 102 12.40 -17.55 18.06
CA PRO A 102 13.30 -16.42 18.30
C PRO A 102 14.29 -16.71 19.39
N GLU A 103 15.50 -16.22 19.20
CA GLU A 103 16.60 -16.50 20.12
C GLU A 103 17.28 -15.20 20.52
N LEU A 104 18.02 -15.24 21.63
CA LEU A 104 18.90 -14.17 22.00
C LEU A 104 20.23 -14.29 21.31
N ARG A 105 20.65 -13.22 20.66
CA ARG A 105 21.95 -13.15 19.93
C ARG A 105 22.82 -12.11 20.63
N ASP A 106 24.07 -12.45 20.95
CA ASP A 106 24.94 -11.53 21.70
C ASP A 106 26.05 -10.88 20.87
N ASP A 107 26.03 -11.08 19.55
CA ASP A 107 27.14 -10.68 18.69
C ASP A 107 26.80 -9.59 17.66
N LEU A 108 25.73 -8.82 17.86
CA LEU A 108 25.31 -7.81 16.89
C LEU A 108 25.84 -6.42 17.12
N ASP A 109 26.74 -6.28 18.11
CA ASP A 109 27.43 -5.03 18.35
C ASP A 109 26.48 -3.83 18.30
N ILE A 110 25.38 -3.91 19.07
CA ILE A 110 24.28 -2.98 18.83
C ILE A 110 24.58 -1.56 19.28
N LYS A 111 25.46 -1.40 20.27
CA LYS A 111 25.77 -0.04 20.70
C LYS A 111 26.66 0.71 19.70
N THR A 112 27.07 0.05 18.62
CA THR A 112 27.76 0.71 17.51
C THR A 112 26.84 0.94 16.30
N LYS A 113 25.59 0.49 16.39
CA LYS A 113 24.68 0.50 15.25
C LYS A 113 23.81 1.75 15.35
N ASP A 114 23.61 2.43 14.22
CA ASP A 114 22.74 3.58 14.20
C ASP A 114 21.28 3.25 14.55
N TRP A 115 20.77 2.12 14.12
CA TRP A 115 19.37 1.79 14.40
C TRP A 115 19.15 1.78 15.90
N TYR A 116 20.13 1.33 16.66
CA TYR A 116 20.00 1.24 18.13
C TYR A 116 20.29 2.63 18.75
N GLN A 117 21.46 3.18 18.44
CA GLN A 117 21.90 4.41 19.11
C GLN A 117 20.96 5.59 18.76
N GLU A 118 20.48 5.68 17.52
CA GLU A 118 19.68 6.83 17.11
C GLU A 118 18.26 6.74 17.69
N ALA A 119 17.76 5.53 17.90
CA ALA A 119 16.44 5.36 18.51
C ALA A 119 16.43 5.93 19.93
N LEU A 120 17.56 5.87 20.61
CA LEU A 120 17.65 6.40 21.98
C LEU A 120 17.81 7.91 22.03
N LYS A 121 17.95 8.58 20.87
CA LYS A 121 18.13 10.02 20.78
C LYS A 121 16.89 10.74 20.24
N THR A 122 15.83 9.99 19.89
CA THR A 122 14.58 10.57 19.46
C THR A 122 13.42 9.84 20.10
N ASN A 123 12.28 10.52 20.27
CA ASN A 123 11.05 9.88 20.66
C ASN A 123 10.21 9.39 19.49
N ASP A 124 10.67 9.64 18.27
CA ASP A 124 10.02 9.07 17.08
C ASP A 124 10.64 7.73 16.68
N ILE A 125 10.01 7.11 15.68
CA ILE A 125 10.63 6.06 14.93
C ILE A 125 11.83 6.59 14.17
N PHE A 126 12.93 5.87 14.17
CA PHE A 126 14.10 6.21 13.37
C PHE A 126 14.13 5.30 12.12
N VAL A 127 14.40 5.90 10.95
CA VAL A 127 14.44 5.15 9.69
C VAL A 127 15.88 5.25 9.13
N THR A 128 16.54 4.11 8.97
CA THR A 128 17.90 4.11 8.48
C THR A 128 17.89 4.33 6.96
N PRO A 129 19.02 4.81 6.42
CA PRO A 129 19.31 4.56 4.99
C PRO A 129 19.40 3.05 4.76
N ALA A 130 19.36 2.63 3.51
CA ALA A 130 19.52 1.21 3.19
C ALA A 130 20.96 0.80 3.57
N TYR A 131 21.08 -0.40 4.13
CA TYR A 131 22.40 -0.93 4.49
C TYR A 131 22.32 -2.45 4.49
N LEU A 132 23.51 -3.08 4.52
CA LEU A 132 23.59 -4.53 4.50
C LEU A 132 23.37 -5.15 5.87
N ASP A 133 22.22 -5.80 6.04
CA ASP A 133 21.90 -6.46 7.31
C ASP A 133 22.87 -7.61 7.55
N THR A 134 23.42 -7.64 8.75
N THR A 134 23.43 -7.66 8.76
CA THR A 134 24.34 -8.68 9.19
CA THR A 134 24.40 -8.70 9.14
C THR A 134 23.70 -10.07 9.30
C THR A 134 23.73 -10.07 9.38
N VAL A 135 22.43 -10.10 9.70
CA VAL A 135 21.81 -11.38 10.06
C VAL A 135 21.54 -12.26 8.81
N LEU A 136 20.83 -11.67 7.85
CA LEU A 136 20.42 -12.41 6.65
C LEU A 136 21.06 -11.88 5.36
N LYS A 137 21.92 -10.88 5.48
CA LYS A 137 22.86 -10.55 4.42
C LYS A 137 22.16 -9.98 3.18
N GLN A 138 21.10 -9.25 3.42
CA GLN A 138 20.38 -8.50 2.40
C GLN A 138 20.35 -7.04 2.73
N TYR A 139 20.20 -6.17 1.71
CA TYR A 139 20.04 -4.75 1.96
C TYR A 139 18.63 -4.46 2.50
N VAL A 140 18.60 -3.73 3.61
CA VAL A 140 17.36 -3.44 4.33
C VAL A 140 17.27 -1.96 4.64
N ILE A 141 16.02 -1.52 4.83
CA ILE A 141 15.71 -0.29 5.54
C ILE A 141 15.19 -0.74 6.90
N THR A 142 15.78 -0.13 7.97
CA THR A 142 15.35 -0.52 9.31
C THR A 142 14.57 0.65 9.94
N TYR A 143 13.45 0.27 10.56
CA TYR A 143 12.61 1.15 11.36
C TYR A 143 12.86 0.74 12.81
N SER A 144 13.31 1.69 13.64
CA SER A 144 13.58 1.36 15.03
C SER A 144 12.89 2.34 15.97
N LYS A 145 12.65 1.85 17.18
CA LYS A 145 11.88 2.64 18.13
C LYS A 145 12.27 2.19 19.53
N ALA A 146 12.69 3.16 20.36
CA ALA A 146 12.91 2.88 21.78
C ALA A 146 11.57 2.70 22.48
N ILE A 147 11.46 1.59 23.21
N ILE A 147 11.40 1.53 23.12
CA ILE A 147 10.21 1.17 23.81
CA ILE A 147 10.16 1.21 23.81
C ILE A 147 10.27 1.45 25.31
C ILE A 147 10.28 1.50 25.30
N TYR A 148 9.34 2.29 25.78
CA TYR A 148 9.26 2.68 27.19
C TYR A 148 7.98 2.14 27.80
N LYS A 149 8.06 1.71 29.04
CA LYS A 149 6.86 1.34 29.77
C LYS A 149 6.90 2.18 31.06
N ASP A 150 5.96 3.14 31.02
N ASP A 150 5.86 2.94 31.41
CA ASP A 150 5.70 4.12 32.04
CA ASP A 150 6.00 3.81 32.60
C ASP A 150 7.01 4.80 32.44
C ASP A 150 7.27 4.68 32.55
N GLY A 151 7.74 5.14 31.39
CA GLY A 151 8.89 6.03 31.43
C GLY A 151 10.21 5.27 31.43
N LYS A 152 10.11 3.96 31.60
CA LYS A 152 11.25 3.09 31.74
C LYS A 152 11.61 2.40 30.42
N ILE A 153 12.86 2.52 29.97
CA ILE A 153 13.27 1.86 28.72
C ILE A 153 13.31 0.36 28.85
N ILE A 154 12.65 -0.32 27.91
CA ILE A 154 12.67 -1.76 27.85
C ILE A 154 13.78 -2.22 26.89
N GLY A 155 13.81 -1.61 25.69
CA GLY A 155 14.83 -1.86 24.70
C GLY A 155 14.45 -1.14 23.44
N VAL A 156 15.23 -1.41 22.40
CA VAL A 156 15.01 -0.77 21.08
C VAL A 156 14.49 -1.83 20.11
N LEU A 157 13.27 -1.59 19.61
CA LEU A 157 12.65 -2.45 18.61
C LEU A 157 13.28 -2.11 17.27
N GLY A 158 13.54 -3.16 16.47
CA GLY A 158 13.91 -2.94 15.07
C GLY A 158 13.10 -3.83 14.14
N VAL A 159 12.78 -3.27 12.97
CA VAL A 159 12.05 -3.94 11.91
C VAL A 159 12.83 -3.74 10.61
N ASP A 160 13.27 -4.85 9.99
CA ASP A 160 14.05 -4.75 8.75
C ASP A 160 13.17 -5.18 7.57
N ILE A 161 13.03 -4.24 6.63
CA ILE A 161 12.29 -4.47 5.40
C ILE A 161 13.31 -4.44 4.24
N PRO A 162 13.29 -5.45 3.34
CA PRO A 162 14.23 -5.39 2.22
C PRO A 162 14.09 -4.08 1.46
N SER A 163 15.21 -3.45 1.16
CA SER A 163 15.16 -2.25 0.34
C SER A 163 14.63 -2.54 -1.06
N GLU A 164 14.84 -3.75 -1.55
CA GLU A 164 14.28 -4.15 -2.85
C GLU A 164 12.78 -4.00 -2.89
N ASP A 165 12.10 -4.09 -1.75
CA ASP A 165 10.63 -3.95 -1.77
C ASP A 165 10.25 -2.53 -2.24
N LEU A 166 10.95 -1.51 -1.73
CA LEU A 166 10.70 -0.12 -2.18
C LEU A 166 11.15 0.04 -3.64
N GLN A 167 12.31 -0.51 -3.98
CA GLN A 167 12.79 -0.39 -5.37
C GLN A 167 11.74 -0.95 -6.34
N ASN A 168 11.17 -2.09 -6.01
CA ASN A 168 10.21 -2.73 -6.89
C ASN A 168 8.93 -1.91 -6.98
N LEU A 169 8.46 -1.33 -5.88
CA LEU A 169 7.28 -0.49 -5.92
C LEU A 169 7.50 0.71 -6.82
N VAL A 170 8.65 1.38 -6.69
CA VAL A 170 8.92 2.53 -7.53
C VAL A 170 9.00 2.11 -8.99
N ALA A 171 9.68 1.02 -9.27
CA ALA A 171 9.86 0.61 -10.65
C ALA A 171 8.54 0.36 -11.37
N LYS A 172 7.51 -0.09 -10.67
CA LYS A 172 6.21 -0.44 -11.27
C LYS A 172 5.40 0.78 -11.61
N THR A 173 5.72 1.96 -11.07
CA THR A 173 4.94 3.17 -11.33
C THR A 173 4.96 3.57 -12.80
N PRO A 174 3.93 4.28 -13.24
CA PRO A 174 3.98 4.87 -14.56
C PRO A 174 5.01 5.98 -14.65
N GLY A 175 5.43 6.26 -15.88
CA GLY A 175 6.31 7.35 -16.12
C GLY A 175 7.78 6.90 -15.96
N ASN A 176 8.65 7.70 -16.60
CA ASN A 176 10.10 7.52 -16.52
C ASN A 176 10.60 8.17 -15.22
N THR A 177 10.17 7.55 -14.10
CA THR A 177 10.49 8.10 -12.77
C THR A 177 11.63 7.30 -12.16
N PHE A 178 12.32 7.94 -11.23
CA PHE A 178 13.48 7.35 -10.59
C PHE A 178 13.75 8.05 -9.29
N LEU A 179 14.44 7.33 -8.39
N LEU A 179 14.60 7.44 -8.47
CA LEU A 179 14.85 7.85 -7.09
CA LEU A 179 14.76 7.87 -7.09
C LEU A 179 16.36 7.92 -7.01
C LEU A 179 16.26 7.78 -6.76
N PHE A 180 16.82 8.89 -6.24
CA PHE A 180 18.19 8.92 -5.72
C PHE A 180 18.11 8.82 -4.20
N ASP A 181 19.12 8.22 -3.58
CA ASP A 181 19.27 8.17 -2.14
C ASP A 181 19.92 9.45 -1.62
N GLN A 182 20.16 9.49 -0.31
CA GLN A 182 20.62 10.69 0.36
C GLN A 182 22.03 11.13 -0.09
N LYS A 183 22.76 10.23 -0.74
CA LYS A 183 24.10 10.51 -1.25
C LYS A 183 24.03 10.86 -2.76
N ASN A 184 22.82 11.05 -3.26
CA ASN A 184 22.57 11.31 -4.70
C ASN A 184 23.10 10.19 -5.61
N LYS A 185 23.09 8.95 -5.10
N LYS A 185 22.94 8.96 -5.12
CA LYS A 185 23.25 7.79 -5.98
CA LYS A 185 23.20 7.78 -5.89
C LYS A 185 21.87 7.28 -6.38
C LYS A 185 21.86 7.19 -6.34
N ILE A 186 21.81 6.71 -7.58
CA ILE A 186 20.57 6.16 -8.07
C ILE A 186 20.16 4.94 -7.23
N PHE A 187 18.89 4.87 -6.86
CA PHE A 187 18.36 3.88 -5.91
C PHE A 187 17.28 3.01 -6.55
N ALA A 188 16.41 3.63 -7.36
CA ALA A 188 15.31 2.86 -8.01
C ALA A 188 14.95 3.56 -9.32
N ALA A 189 14.38 2.81 -10.26
CA ALA A 189 13.98 3.39 -11.55
C ALA A 189 12.99 2.50 -12.23
N THR A 190 12.02 3.12 -12.92
CA THR A 190 11.16 2.36 -13.82
C THR A 190 11.95 1.73 -14.96
N ASN A 191 12.86 2.50 -15.54
CA ASN A 191 13.72 1.95 -16.62
C ASN A 191 15.00 1.42 -15.96
N LYS A 192 15.14 0.11 -15.95
CA LYS A 192 16.26 -0.54 -15.24
C LYS A 192 17.65 -0.08 -15.78
N GLU A 193 17.72 0.45 -16.99
CA GLU A 193 19.00 0.93 -17.52
C GLU A 193 19.58 2.10 -16.73
N LEU A 194 18.70 2.90 -16.14
CA LEU A 194 19.16 4.01 -15.33
C LEU A 194 20.02 3.61 -14.14
N LEU A 195 19.94 2.33 -13.77
CA LEU A 195 20.65 1.81 -12.63
C LEU A 195 22.13 1.48 -12.96
N ASN A 196 22.55 1.61 -14.23
CA ASN A 196 23.97 1.47 -14.63
C ASN A 196 24.77 2.50 -13.83
N PRO A 197 25.70 2.06 -12.97
CA PRO A 197 26.40 2.98 -12.05
C PRO A 197 27.30 3.99 -12.78
N SER A 198 27.56 3.73 -14.06
CA SER A 198 28.34 4.67 -14.83
C SER A 198 27.57 5.78 -15.51
N ILE A 199 26.25 5.70 -15.48
CA ILE A 199 25.46 6.78 -16.02
C ILE A 199 25.70 8.09 -15.29
N ASP A 200 25.76 9.17 -16.09
CA ASP A 200 25.86 10.52 -15.58
C ASP A 200 24.49 11.14 -15.33
N HIS A 201 24.13 11.31 -14.07
CA HIS A 201 22.88 11.96 -13.71
C HIS A 201 23.06 13.48 -13.42
N SER A 202 24.24 14.04 -13.69
CA SER A 202 24.50 15.41 -13.26
C SER A 202 23.62 16.48 -13.97
N PRO A 203 23.26 16.26 -15.25
CA PRO A 203 22.39 17.22 -15.93
C PRO A 203 21.02 17.37 -15.28
N VAL A 204 20.47 16.25 -14.85
CA VAL A 204 19.22 16.24 -14.11
C VAL A 204 19.40 16.80 -12.70
N LEU A 205 20.46 16.38 -12.01
CA LEU A 205 20.68 16.88 -10.66
C LEU A 205 21.04 18.37 -10.67
N ASN A 206 21.79 18.79 -11.70
CA ASN A 206 22.17 20.21 -11.89
C ASN A 206 20.89 21.03 -12.13
N ALA A 207 20.01 20.51 -12.98
CA ALA A 207 18.76 21.22 -13.27
C ALA A 207 17.84 21.33 -12.05
N TYR A 208 17.78 20.29 -11.23
CA TYR A 208 17.02 20.31 -9.99
C TYR A 208 17.61 21.33 -9.01
N LYS A 209 18.92 21.32 -8.85
CA LYS A 209 19.60 22.31 -8.00
C LYS A 209 19.23 23.75 -8.40
N LEU A 210 19.15 24.03 -9.70
CA LEU A 210 18.80 25.36 -10.21
C LEU A 210 17.30 25.71 -10.05
N ASN A 211 16.42 24.71 -10.05
CA ASN A 211 14.98 24.96 -10.19
C ASN A 211 14.16 24.71 -8.91
N GLY A 212 14.55 23.72 -8.12
CA GLY A 212 13.82 23.38 -6.87
C GLY A 212 12.69 22.38 -7.03
N ASP A 213 12.05 22.07 -5.92
CA ASP A 213 11.06 21.01 -5.84
C ASP A 213 9.91 21.30 -6.76
N ASN A 214 9.60 20.33 -7.61
CA ASN A 214 8.37 20.29 -8.39
C ASN A 214 8.33 21.31 -9.51
N ASN A 215 9.48 21.88 -9.84
CA ASN A 215 9.56 22.91 -10.83
C ASN A 215 10.12 22.36 -12.12
N PHE A 216 9.28 22.38 -13.14
CA PHE A 216 9.53 21.72 -14.41
C PHE A 216 10.69 22.47 -15.07
N PHE A 217 11.60 21.72 -15.70
CA PHE A 217 12.81 22.29 -16.32
C PHE A 217 13.19 21.63 -17.66
N SER A 218 13.97 22.36 -18.47
CA SER A 218 14.55 21.85 -19.70
C SER A 218 16.05 21.54 -19.47
N TYR A 219 16.56 20.50 -20.11
CA TYR A 219 17.98 20.23 -20.11
C TYR A 219 18.36 19.52 -21.40
N LYS A 220 19.65 19.33 -21.63
CA LYS A 220 20.11 18.70 -22.86
C LYS A 220 20.77 17.33 -22.60
N LEU A 221 20.54 16.40 -23.52
CA LEU A 221 21.25 15.11 -23.59
C LEU A 221 21.66 14.85 -25.05
N ASN A 222 22.95 14.73 -25.32
CA ASN A 222 23.46 14.47 -26.69
C ASN A 222 22.92 15.54 -27.64
N ASN A 223 22.87 16.78 -27.14
CA ASN A 223 22.42 17.96 -27.89
C ASN A 223 20.92 17.98 -28.24
N GLU A 224 20.14 17.06 -27.68
CA GLU A 224 18.68 17.10 -27.77
C GLU A 224 18.06 17.59 -26.46
N GLU A 225 16.89 18.21 -26.59
CA GLU A 225 16.21 18.79 -25.44
C GLU A 225 15.33 17.75 -24.72
N ARG A 226 15.39 17.77 -23.40
CA ARG A 226 14.56 16.96 -22.52
C ARG A 226 13.90 17.86 -21.49
N LEU A 227 12.83 17.36 -20.87
CA LEU A 227 12.11 18.11 -19.87
C LEU A 227 12.03 17.21 -18.61
N GLY A 228 11.97 17.81 -17.44
CA GLY A 228 11.81 17.01 -16.24
C GLY A 228 11.48 17.82 -15.02
N ALA A 229 11.38 17.12 -13.90
CA ALA A 229 11.19 17.74 -12.59
C ALA A 229 11.64 16.76 -11.54
N CYS A 230 12.13 17.30 -10.43
CA CYS A 230 12.44 16.47 -9.26
C CYS A 230 11.82 17.08 -8.01
N THR A 231 11.74 16.27 -6.95
CA THR A 231 11.32 16.76 -5.65
C THR A 231 11.95 15.92 -4.55
N LYS A 232 12.21 16.53 -3.42
CA LYS A 232 12.66 15.77 -2.25
C LYS A 232 11.50 14.96 -1.74
N VAL A 233 11.80 13.74 -1.28
CA VAL A 233 10.85 12.88 -0.60
C VAL A 233 11.60 12.22 0.55
N PHE A 234 11.43 12.75 1.75
CA PHE A 234 12.32 12.40 2.89
C PHE A 234 13.76 12.70 2.46
N ALA A 235 14.71 11.79 2.65
CA ALA A 235 16.07 12.08 2.22
C ALA A 235 16.32 11.72 0.76
N TYR A 236 15.32 11.12 0.11
CA TYR A 236 15.44 10.76 -1.31
C TYR A 236 15.15 11.96 -2.21
N THR A 237 15.58 11.86 -3.46
CA THR A 237 15.16 12.77 -4.52
C THR A 237 14.47 11.96 -5.61
N ALA A 238 13.21 12.30 -5.89
CA ALA A 238 12.42 11.62 -6.95
C ALA A 238 12.43 12.53 -8.17
N CYS A 239 12.63 11.93 -9.35
CA CYS A 239 12.67 12.70 -10.58
C CYS A 239 11.83 12.00 -11.66
N ILE A 240 11.47 12.79 -12.65
CA ILE A 240 10.88 12.28 -13.89
C ILE A 240 11.51 13.06 -15.04
N THR A 241 11.77 12.40 -16.17
CA THR A 241 12.24 13.11 -17.36
C THR A 241 11.57 12.51 -18.61
N GLU A 242 11.56 13.31 -19.67
CA GLU A 242 11.02 12.87 -20.96
C GLU A 242 11.74 13.64 -22.05
N SER A 243 11.56 13.17 -23.28
CA SER A 243 11.99 13.95 -24.43
C SER A 243 11.13 15.20 -24.58
N ALA A 244 11.74 16.30 -25.02
CA ALA A 244 10.98 17.50 -25.39
C ALA A 244 10.33 17.45 -26.78
N ASP A 245 10.40 16.30 -27.45
CA ASP A 245 9.80 16.18 -28.77
C ASP A 245 8.29 16.52 -28.71
N ILE A 246 7.62 16.20 -27.59
CA ILE A 246 6.19 16.53 -27.41
C ILE A 246 5.91 18.02 -27.66
N ILE A 247 6.81 18.91 -27.22
CA ILE A 247 6.60 20.33 -27.45
C ILE A 247 7.25 20.87 -28.72
N ASN A 248 8.25 20.18 -29.25
CA ASN A 248 9.06 20.69 -30.37
C ASN A 248 8.64 20.13 -31.73
N LYS A 249 8.04 18.94 -31.73
CA LYS A 249 7.68 18.25 -32.96
C LYS A 249 6.16 18.08 -32.95
N GLY B 1 -18.51 14.15 -38.87
CA GLY B 1 -17.25 13.48 -39.26
C GLY B 1 -16.31 13.34 -38.08
N ILE B 2 -15.08 12.98 -38.37
CA ILE B 2 -14.04 12.95 -37.38
C ILE B 2 -13.75 14.36 -36.85
N ASP B 3 -13.74 14.48 -35.53
CA ASP B 3 -13.34 15.71 -34.83
C ASP B 3 -11.86 16.00 -35.10
N PRO B 4 -11.55 17.12 -35.76
CA PRO B 4 -10.16 17.40 -36.10
C PRO B 4 -9.22 17.42 -34.90
N PHE B 5 -9.72 17.75 -33.72
CA PHE B 5 -8.84 17.78 -32.57
C PHE B 5 -8.25 16.41 -32.21
N THR B 6 -8.97 15.35 -32.60
CA THR B 6 -8.56 14.00 -32.23
C THR B 6 -7.35 13.54 -33.02
N LYS B 7 -6.98 14.33 -34.03
CA LYS B 7 -5.78 14.07 -34.81
C LYS B 7 -4.54 14.78 -34.31
N THR B 8 -4.67 15.57 -33.26
CA THR B 8 -3.53 16.33 -32.73
C THR B 8 -2.65 15.52 -31.77
N SER B 9 -1.41 15.96 -31.63
CA SER B 9 -0.49 15.36 -30.67
C SER B 9 -0.95 15.74 -29.24
N LEU B 10 -1.57 16.90 -29.10
CA LEU B 10 -2.08 17.29 -27.81
C LEU B 10 -3.19 16.36 -27.34
N TYR B 11 -4.14 16.01 -28.20
CA TYR B 11 -5.17 15.03 -27.81
C TYR B 11 -4.55 13.71 -27.45
N GLU B 12 -3.63 13.24 -28.27
CA GLU B 12 -3.00 11.93 -27.99
C GLU B 12 -2.29 11.90 -26.62
N SER B 13 -1.54 12.95 -26.33
CA SER B 13 -0.83 13.16 -25.04
CA SER B 13 -0.85 12.90 -25.07
CA SER B 13 -0.84 13.05 -25.06
C SER B 13 -1.83 13.11 -23.90
N THR B 14 -2.94 13.83 -24.12
CA THR B 14 -3.97 13.97 -23.09
C THR B 14 -4.60 12.63 -22.76
N LEU B 15 -4.96 11.85 -23.77
CA LEU B 15 -5.46 10.52 -23.54
C LEU B 15 -4.44 9.56 -22.91
N LYS B 16 -3.17 9.73 -23.26
CA LYS B 16 -2.13 8.97 -22.61
C LYS B 16 -2.14 9.22 -21.08
N ASN B 17 -2.15 10.51 -20.70
N ASN B 17 -2.27 10.46 -20.64
CA ASN B 17 -2.26 10.96 -19.28
CA ASN B 17 -2.18 10.69 -19.21
C ASN B 17 -3.44 10.24 -18.63
C ASN B 17 -3.51 10.42 -18.51
N GLN B 18 -4.61 10.35 -19.26
CA GLN B 18 -5.82 9.78 -18.67
C GLN B 18 -5.66 8.27 -18.48
N THR B 19 -5.08 7.61 -19.48
CA THR B 19 -4.86 6.16 -19.37
C THR B 19 -3.95 5.88 -18.16
N ASP B 20 -2.86 6.64 -18.06
CA ASP B 20 -1.92 6.43 -16.96
C ASP B 20 -2.61 6.62 -15.61
N LEU B 21 -3.41 7.66 -15.49
CA LEU B 21 -4.12 7.89 -14.23
C LEU B 21 -5.14 6.80 -13.94
N LEU B 22 -5.88 6.34 -14.94
CA LEU B 22 -6.75 5.20 -14.70
C LEU B 22 -6.01 4.01 -14.18
N LYS B 23 -4.84 3.75 -14.75
CA LYS B 23 -4.07 2.59 -14.34
C LYS B 23 -3.55 2.73 -12.87
N VAL B 24 -3.26 3.96 -12.43
CA VAL B 24 -2.91 4.17 -11.03
C VAL B 24 -4.03 3.74 -10.11
N THR B 25 -5.27 4.05 -10.48
CA THR B 25 -6.43 3.59 -9.71
C THR B 25 -6.60 2.05 -9.79
N GLN B 26 -6.38 1.47 -10.97
CA GLN B 26 -6.37 0.03 -11.07
C GLN B 26 -5.32 -0.60 -10.14
N SER B 27 -4.12 -0.03 -10.15
CA SER B 27 -3.04 -0.56 -9.28
C SER B 27 -3.39 -0.44 -7.81
N THR B 28 -4.09 0.63 -7.45
CA THR B 28 -4.49 0.86 -6.07
C THR B 28 -5.38 -0.27 -5.58
N VAL B 29 -6.34 -0.67 -6.42
CA VAL B 29 -7.22 -1.77 -6.09
C VAL B 29 -6.48 -3.11 -6.00
N GLU B 30 -5.65 -3.35 -6.99
CA GLU B 30 -4.85 -4.57 -7.02
C GLU B 30 -3.95 -4.72 -5.80
N ASP B 31 -3.30 -3.65 -5.40
CA ASP B 31 -2.32 -3.70 -4.32
C ASP B 31 -3.01 -3.86 -2.97
N PHE B 32 -4.15 -3.22 -2.81
CA PHE B 32 -4.96 -3.40 -1.61
C PHE B 32 -5.34 -4.87 -1.45
N ARG B 33 -5.86 -5.48 -2.51
CA ARG B 33 -6.22 -6.88 -2.47
C ARG B 33 -5.05 -7.81 -2.16
N SER B 34 -3.95 -7.62 -2.88
N SER B 34 -3.94 -7.65 -2.87
N SER B 34 -3.95 -7.62 -2.88
CA SER B 34 -2.80 -8.50 -2.75
CA SER B 34 -2.83 -8.57 -2.71
CA SER B 34 -2.76 -8.47 -2.75
C SER B 34 -2.24 -8.44 -1.32
C SER B 34 -2.22 -8.46 -1.31
C SER B 34 -2.27 -8.45 -1.31
N THR B 35 -2.15 -7.25 -0.76
CA THR B 35 -1.63 -7.10 0.60
C THR B 35 -2.51 -7.78 1.61
N ASN B 36 -3.84 -7.62 1.47
CA ASN B 36 -4.75 -8.26 2.40
C ASN B 36 -4.79 -9.78 2.26
N GLN B 37 -4.65 -10.29 1.03
CA GLN B 37 -4.57 -11.74 0.81
C GLN B 37 -3.30 -12.33 1.44
N SER B 38 -2.19 -11.67 1.24
N SER B 38 -2.17 -11.67 1.27
CA SER B 38 -0.94 -12.15 1.81
CA SER B 38 -0.93 -12.22 1.83
C SER B 38 -1.01 -12.20 3.35
C SER B 38 -0.92 -12.17 3.36
N PHE B 39 -1.56 -11.15 3.94
CA PHE B 39 -1.75 -11.10 5.40
C PHE B 39 -2.57 -12.29 5.86
N THR B 40 -3.66 -12.58 5.15
CA THR B 40 -4.58 -13.65 5.55
C THR B 40 -3.89 -15.02 5.45
N ARG B 41 -3.11 -15.20 4.38
N ARG B 41 -3.10 -15.20 4.39
CA ARG B 41 -2.33 -16.44 4.24
CA ARG B 41 -2.35 -16.46 4.25
C ARG B 41 -1.31 -16.63 5.37
C ARG B 41 -1.27 -16.63 5.33
N ALA B 42 -0.65 -15.53 5.76
CA ALA B 42 0.33 -15.61 6.84
C ALA B 42 -0.35 -16.01 8.15
N LEU B 43 -1.53 -15.43 8.41
CA LEU B 43 -2.28 -15.77 9.62
C LEU B 43 -2.72 -17.22 9.60
N GLU B 44 -3.23 -17.71 8.46
CA GLU B 44 -3.59 -19.11 8.33
C GLU B 44 -2.42 -20.00 8.69
N LYS B 45 -1.23 -19.68 8.20
CA LYS B 45 -0.05 -20.51 8.43
C LYS B 45 0.32 -20.53 9.92
N ASP B 46 0.24 -19.38 10.60
CA ASP B 46 0.56 -19.34 12.03
C ASP B 46 -0.48 -20.09 12.88
N ILE B 47 -1.75 -20.03 12.50
CA ILE B 47 -2.76 -20.78 13.23
C ILE B 47 -2.52 -22.30 13.04
N ALA B 48 -2.31 -22.72 11.79
CA ALA B 48 -2.15 -24.12 11.48
C ALA B 48 -0.81 -24.71 11.95
N ASN B 49 0.12 -23.84 12.35
N ASN B 49 0.08 -23.82 12.37
CA ASN B 49 1.37 -24.28 12.96
CA ASN B 49 1.34 -24.27 12.95
C ASN B 49 1.24 -24.56 14.46
C ASN B 49 1.18 -24.67 14.42
N LEU B 50 0.12 -24.21 15.07
CA LEU B 50 -0.19 -24.65 16.44
C LEU B 50 -0.30 -26.17 16.41
N PRO B 51 -0.02 -26.82 17.54
CA PRO B 51 -0.22 -28.27 17.54
C PRO B 51 -1.68 -28.69 17.46
N TYR B 52 -1.93 -29.85 16.85
CA TYR B 52 -3.29 -30.34 16.62
C TYR B 52 -4.12 -30.32 17.93
N GLN B 53 -3.51 -30.67 19.06
CA GLN B 53 -4.23 -30.69 20.34
C GLN B 53 -4.65 -29.29 20.80
N SER B 54 -3.94 -28.27 20.35
CA SER B 54 -4.30 -26.89 20.71
C SER B 54 -5.46 -26.34 19.88
N LEU B 55 -5.94 -27.08 18.88
CA LEU B 55 -6.88 -26.56 17.87
C LEU B 55 -8.27 -27.23 17.85
N ILE B 56 -8.51 -28.13 18.80
CA ILE B 56 -9.70 -28.99 18.74
C ILE B 56 -10.60 -28.97 19.99
N THR B 57 -10.29 -28.21 21.02
CA THR B 57 -11.31 -27.86 22.08
C THR B 57 -11.52 -26.34 22.14
N GLU B 58 -12.74 -25.92 22.51
CA GLU B 58 -13.00 -24.47 22.63
C GLU B 58 -11.98 -23.77 23.54
N GLU B 59 -11.70 -24.35 24.69
CA GLU B 59 -10.79 -23.73 25.64
C GLU B 59 -9.42 -23.51 24.96
N ASN B 60 -8.92 -24.57 24.35
CA ASN B 60 -7.61 -24.49 23.71
C ASN B 60 -7.60 -23.50 22.56
N ILE B 61 -8.68 -23.44 21.79
CA ILE B 61 -8.80 -22.48 20.70
C ILE B 61 -8.74 -21.05 21.28
N ILE B 62 -9.59 -20.76 22.28
CA ILE B 62 -9.56 -19.45 22.91
C ILE B 62 -8.15 -19.09 23.36
N ASN B 63 -7.51 -19.98 24.09
CA ASN B 63 -6.25 -19.65 24.74
C ASN B 63 -5.09 -19.56 23.75
N ASN B 64 -5.10 -20.38 22.69
CA ASN B 64 -3.95 -20.44 21.79
C ASN B 64 -4.16 -19.66 20.49
N VAL B 65 -5.36 -19.72 19.91
CA VAL B 65 -5.61 -18.95 18.70
C VAL B 65 -5.85 -17.47 18.99
N GLY B 66 -6.54 -17.17 20.10
CA GLY B 66 -6.91 -15.78 20.39
C GLY B 66 -5.76 -14.79 20.31
N PRO B 67 -4.64 -15.10 20.99
CA PRO B 67 -3.55 -14.12 20.99
C PRO B 67 -3.05 -13.85 19.55
N ILE B 68 -3.01 -14.90 18.72
CA ILE B 68 -2.55 -14.73 17.36
C ILE B 68 -3.48 -13.81 16.58
N LEU B 69 -4.78 -14.03 16.70
CA LEU B 69 -5.74 -13.16 16.02
C LEU B 69 -5.53 -11.71 16.42
N LYS B 70 -5.27 -11.49 17.71
N LYS B 70 -5.34 -11.46 17.72
CA LYS B 70 -5.21 -10.15 18.28
CA LYS B 70 -5.23 -10.10 18.21
C LYS B 70 -3.94 -9.42 17.86
C LYS B 70 -3.93 -9.41 17.77
N TYR B 71 -2.82 -10.12 17.87
CA TYR B 71 -1.56 -9.54 17.41
C TYR B 71 -1.62 -9.23 15.91
N TYR B 72 -2.17 -10.18 15.13
CA TYR B 72 -2.33 -9.90 13.71
C TYR B 72 -3.26 -8.71 13.45
N ARG B 73 -4.40 -8.64 14.13
CA ARG B 73 -5.33 -7.53 13.94
C ARG B 73 -4.58 -6.20 14.16
N HIS B 74 -3.81 -6.10 15.25
CA HIS B 74 -3.08 -4.88 15.55
C HIS B 74 -2.03 -4.57 14.48
N SER B 75 -1.37 -5.60 13.94
CA SER B 75 -0.30 -5.36 13.02
C SER B 75 -0.71 -4.58 11.78
N ILE B 76 -1.95 -4.79 11.32
N ILE B 76 -1.95 -4.74 11.31
CA ILE B 76 -2.44 -4.17 10.08
CA ILE B 76 -2.38 -4.01 10.11
C ILE B 76 -3.64 -3.22 10.36
C ILE B 76 -3.57 -3.09 10.37
N ASN B 77 -3.99 -3.02 11.63
CA ASN B 77 -5.18 -2.25 12.01
C ASN B 77 -6.44 -2.74 11.29
N ALA B 78 -6.65 -4.04 11.29
CA ALA B 78 -7.90 -4.62 10.79
C ALA B 78 -9.03 -4.27 11.72
N LEU B 79 -10.28 -4.33 11.23
CA LEU B 79 -11.40 -4.04 12.09
C LEU B 79 -11.75 -5.22 13.01
N ASN B 80 -11.82 -6.43 12.43
CA ASN B 80 -12.04 -7.66 13.15
C ASN B 80 -11.17 -8.73 12.51
N VAL B 81 -10.74 -9.69 13.34
CA VAL B 81 -10.02 -10.89 12.86
C VAL B 81 -10.54 -12.05 13.67
N TYR B 82 -11.01 -13.13 13.04
CA TYR B 82 -11.80 -14.11 13.77
C TYR B 82 -11.71 -15.49 13.15
N LEU B 83 -12.11 -16.49 13.94
CA LEU B 83 -12.20 -17.86 13.50
C LEU B 83 -13.57 -18.41 13.77
N GLY B 84 -14.27 -18.78 12.68
CA GLY B 84 -15.61 -19.35 12.81
C GLY B 84 -15.54 -20.87 12.89
N LEU B 85 -16.37 -21.48 13.72
CA LEU B 85 -16.36 -22.93 13.99
C LEU B 85 -17.67 -23.54 13.48
N ASN B 86 -17.65 -24.83 13.21
CA ASN B 86 -18.81 -25.57 12.67
C ASN B 86 -20.01 -25.58 13.60
N ASN B 87 -19.76 -25.39 14.90
CA ASN B 87 -20.86 -25.30 15.86
C ASN B 87 -21.49 -23.93 15.89
N GLY B 88 -21.02 -23.04 15.00
CA GLY B 88 -21.61 -21.73 14.87
C GLY B 88 -20.96 -20.66 15.70
N LYS B 89 -20.06 -21.00 16.62
CA LYS B 89 -19.39 -20.00 17.42
C LYS B 89 -18.25 -19.38 16.65
N VAL B 90 -17.87 -18.16 17.07
N VAL B 90 -17.85 -18.18 17.07
CA VAL B 90 -16.78 -17.41 16.45
CA VAL B 90 -16.71 -17.54 16.42
C VAL B 90 -15.84 -16.93 17.55
C VAL B 90 -15.82 -16.84 17.43
N LEU B 91 -14.54 -17.24 17.42
CA LEU B 91 -13.53 -16.58 18.27
C LEU B 91 -13.22 -15.26 17.62
N LEU B 92 -13.52 -14.16 18.32
CA LEU B 92 -13.50 -12.84 17.72
C LEU B 92 -12.51 -11.90 18.37
N SER B 93 -11.59 -11.37 17.56
CA SER B 93 -10.77 -10.21 17.96
C SER B 93 -11.29 -8.97 17.23
N GLN B 94 -11.67 -7.97 18.01
CA GLN B 94 -12.32 -6.80 17.43
C GLN B 94 -11.70 -5.52 17.94
N LYS B 95 -11.70 -4.49 17.09
CA LYS B 95 -11.15 -3.22 17.43
C LYS B 95 -11.85 -2.73 18.64
N SER B 96 -11.03 -2.21 19.56
CA SER B 96 -11.59 -1.70 20.77
C SER B 96 -10.76 -0.63 21.47
N LYS B 100 -8.42 -8.37 29.05
CA LYS B 100 -9.31 -8.63 27.92
C LYS B 100 -8.62 -9.40 26.82
N MET B 101 -9.35 -10.30 26.18
CA MET B 101 -8.83 -11.12 25.09
C MET B 101 -10.01 -11.56 24.22
N PRO B 102 -9.72 -12.08 23.01
CA PRO B 102 -10.80 -12.59 22.18
C PRO B 102 -11.63 -13.63 22.90
N GLU B 103 -12.94 -13.55 22.70
CA GLU B 103 -13.91 -14.44 23.30
C GLU B 103 -14.73 -15.08 22.17
N LEU B 104 -15.47 -16.13 22.53
CA LEU B 104 -16.42 -16.74 21.63
C LEU B 104 -17.73 -15.99 21.59
N ARG B 105 -18.22 -15.75 20.38
CA ARG B 105 -19.52 -15.14 20.12
C ARG B 105 -20.39 -16.21 19.49
N ASP B 106 -21.64 -16.32 19.94
CA ASP B 106 -22.59 -17.31 19.41
C ASP B 106 -23.71 -16.75 18.54
N ASP B 107 -23.63 -15.46 18.21
CA ASP B 107 -24.78 -14.74 17.64
C ASP B 107 -24.54 -14.24 16.23
N LEU B 108 -23.51 -14.74 15.55
CA LEU B 108 -23.14 -14.16 14.25
C LEU B 108 -23.72 -14.89 13.04
N ASP B 109 -24.56 -15.89 13.29
CA ASP B 109 -25.33 -16.55 12.22
C ASP B 109 -24.46 -17.00 11.06
N ILE B 110 -23.32 -17.61 11.37
CA ILE B 110 -22.27 -17.71 10.35
C ILE B 110 -22.62 -18.63 9.17
N LYS B 111 -23.53 -19.58 9.38
CA LYS B 111 -23.94 -20.44 8.27
C LYS B 111 -24.88 -19.73 7.32
N THR B 112 -25.25 -18.49 7.60
CA THR B 112 -25.92 -17.62 6.63
C THR B 112 -24.99 -16.67 5.89
N LYS B 113 -23.70 -16.72 6.18
CA LYS B 113 -22.77 -15.74 5.73
C LYS B 113 -21.94 -16.37 4.59
N ASP B 114 -21.78 -15.62 3.51
CA ASP B 114 -20.93 -16.08 2.42
C ASP B 114 -19.45 -16.23 2.86
N TRP B 115 -18.95 -15.35 3.74
CA TRP B 115 -17.54 -15.43 4.08
C TRP B 115 -17.25 -16.83 4.64
N TYR B 116 -18.21 -17.37 5.36
CA TYR B 116 -18.04 -18.67 6.00
C TYR B 116 -18.28 -19.79 5.00
N GLN B 117 -19.47 -19.80 4.40
CA GLN B 117 -19.88 -20.90 3.56
C GLN B 117 -19.02 -20.99 2.30
N GLU B 118 -18.67 -19.86 1.68
CA GLU B 118 -17.88 -19.89 0.44
C GLU B 118 -16.47 -20.37 0.68
N ALA B 119 -15.90 -20.01 1.85
CA ALA B 119 -14.54 -20.45 2.13
C ALA B 119 -14.44 -21.96 2.21
N LEU B 120 -15.51 -22.63 2.65
CA LEU B 120 -15.53 -24.08 2.75
C LEU B 120 -15.61 -24.78 1.40
N LYS B 121 -15.94 -24.04 0.35
CA LYS B 121 -16.10 -24.62 -0.99
C LYS B 121 -14.88 -24.48 -1.87
N THR B 122 -13.87 -23.77 -1.39
CA THR B 122 -12.67 -23.50 -2.19
C THR B 122 -11.45 -23.64 -1.30
N ASN B 123 -10.29 -23.90 -1.87
CA ASN B 123 -9.05 -23.77 -1.11
C ASN B 123 -8.45 -22.38 -1.21
N ASP B 124 -9.10 -21.49 -1.97
CA ASP B 124 -8.65 -20.13 -2.15
C ASP B 124 -9.12 -19.23 -0.97
N ILE B 125 -8.53 -18.05 -0.90
CA ILE B 125 -9.14 -16.96 -0.14
C ILE B 125 -10.42 -16.55 -0.84
N PHE B 126 -11.47 -16.40 -0.09
CA PHE B 126 -12.69 -15.80 -0.55
C PHE B 126 -12.70 -14.32 -0.19
N VAL B 127 -13.08 -13.47 -1.14
CA VAL B 127 -13.16 -12.04 -0.92
C VAL B 127 -14.58 -11.59 -1.10
N THR B 128 -15.22 -11.13 -0.04
CA THR B 128 -16.61 -10.70 -0.14
C THR B 128 -16.76 -9.35 -0.85
N PRO B 129 -17.89 -9.13 -1.52
CA PRO B 129 -18.32 -7.74 -1.73
C PRO B 129 -18.42 -7.03 -0.38
N ALA B 130 -18.39 -5.71 -0.40
CA ALA B 130 -18.58 -4.94 0.82
C ALA B 130 -19.95 -5.20 1.41
N TYR B 131 -20.00 -5.32 2.72
CA TYR B 131 -21.28 -5.48 3.40
C TYR B 131 -21.16 -4.92 4.82
N LEU B 132 -22.30 -4.79 5.48
CA LEU B 132 -22.34 -4.23 6.83
C LEU B 132 -21.99 -5.28 7.88
N ASP B 133 -20.79 -5.14 8.45
CA ASP B 133 -20.35 -5.98 9.55
C ASP B 133 -21.35 -5.85 10.72
N THR B 134 -21.66 -7.09 11.20
CA THR B 134 -22.56 -7.29 12.33
C THR B 134 -21.89 -6.78 13.61
N VAL B 135 -20.59 -6.98 13.77
CA VAL B 135 -19.93 -6.67 15.06
C VAL B 135 -19.83 -5.21 15.39
N LEU B 136 -19.32 -4.43 14.43
CA LEU B 136 -19.06 -3.02 14.66
C LEU B 136 -19.85 -2.11 13.71
N LYS B 137 -20.67 -2.70 12.86
CA LYS B 137 -21.57 -1.91 12.01
C LYS B 137 -20.84 -0.85 11.19
N GLN B 138 -19.76 -1.30 10.57
CA GLN B 138 -19.10 -0.59 9.47
C GLN B 138 -19.14 -1.47 8.24
N TYR B 139 -19.07 -0.84 7.07
CA TYR B 139 -18.98 -1.62 5.83
C TYR B 139 -17.58 -2.19 5.70
N VAL B 140 -17.49 -3.49 5.44
CA VAL B 140 -16.22 -4.18 5.37
C VAL B 140 -16.12 -5.00 4.09
N ILE B 141 -14.86 -5.23 3.71
CA ILE B 141 -14.51 -6.31 2.82
C ILE B 141 -13.89 -7.39 3.69
N THR B 142 -14.36 -8.62 3.54
CA THR B 142 -13.86 -9.74 4.32
C THR B 142 -13.04 -10.64 3.42
N TYR B 143 -11.89 -11.07 3.93
CA TYR B 143 -11.04 -12.06 3.36
C TYR B 143 -11.13 -13.28 4.23
N SER B 144 -11.55 -14.40 3.67
CA SER B 144 -11.77 -15.60 4.49
C SER B 144 -11.07 -16.79 3.88
N LYS B 145 -10.77 -17.76 4.74
CA LYS B 145 -9.96 -18.93 4.37
C LYS B 145 -10.25 -20.09 5.30
N ALA B 146 -10.62 -21.23 4.74
CA ALA B 146 -10.77 -22.44 5.53
C ALA B 146 -9.41 -22.89 6.02
N ILE B 147 -9.33 -23.19 7.32
N ILE B 147 -9.30 -23.10 7.34
CA ILE B 147 -8.07 -23.55 7.96
CA ILE B 147 -8.03 -23.53 7.94
C ILE B 147 -8.09 -25.04 8.26
C ILE B 147 -8.10 -25.01 8.24
N TYR B 148 -7.10 -25.75 7.75
CA TYR B 148 -6.99 -27.17 7.97
C TYR B 148 -5.75 -27.48 8.80
N LYS B 149 -5.86 -28.51 9.65
CA LYS B 149 -4.72 -29.04 10.40
C LYS B 149 -4.69 -30.54 10.17
N ASP B 150 -3.57 -31.02 9.62
CA ASP B 150 -3.43 -32.44 9.30
C ASP B 150 -4.61 -32.92 8.45
N GLY B 151 -5.03 -32.05 7.53
CA GLY B 151 -6.12 -32.38 6.60
C GLY B 151 -7.53 -32.23 7.13
N LYS B 152 -7.67 -31.81 8.37
CA LYS B 152 -9.00 -31.69 8.99
C LYS B 152 -9.37 -30.23 9.19
N ILE B 153 -10.62 -29.91 8.91
CA ILE B 153 -11.10 -28.56 9.07
C ILE B 153 -11.08 -28.17 10.54
N ILE B 154 -10.46 -27.04 10.80
CA ILE B 154 -10.48 -26.40 12.11
C ILE B 154 -11.60 -25.34 12.20
N GLY B 155 -11.69 -24.51 11.16
CA GLY B 155 -12.68 -23.45 11.11
C GLY B 155 -12.36 -22.56 9.92
N VAL B 156 -13.09 -21.46 9.83
CA VAL B 156 -12.88 -20.50 8.76
C VAL B 156 -12.35 -19.21 9.36
N LEU B 157 -11.16 -18.81 8.93
CA LEU B 157 -10.56 -17.53 9.33
C LEU B 157 -11.24 -16.43 8.53
N GLY B 158 -11.53 -15.34 9.20
CA GLY B 158 -11.98 -14.13 8.53
C GLY B 158 -11.23 -12.91 9.00
N VAL B 159 -10.98 -12.01 8.03
CA VAL B 159 -10.31 -10.73 8.25
C VAL B 159 -11.17 -9.62 7.65
N ASP B 160 -11.63 -8.70 8.48
CA ASP B 160 -12.47 -7.60 8.00
C ASP B 160 -11.62 -6.35 7.90
N ILE B 161 -11.59 -5.75 6.69
CA ILE B 161 -10.95 -4.46 6.46
C ILE B 161 -12.06 -3.46 6.05
N PRO B 162 -12.18 -2.33 6.72
CA PRO B 162 -13.25 -1.39 6.30
C PRO B 162 -13.15 -1.04 4.83
N SER B 163 -14.27 -1.11 4.10
CA SER B 163 -14.25 -0.68 2.72
C SER B 163 -13.88 0.80 2.57
N GLU B 164 -14.07 1.59 3.62
CA GLU B 164 -13.63 2.96 3.66
C GLU B 164 -12.12 3.10 3.48
N ASP B 165 -11.36 2.08 3.88
CA ASP B 165 -9.91 2.12 3.64
C ASP B 165 -9.61 2.16 2.15
N LEU B 166 -10.32 1.33 1.37
CA LEU B 166 -10.13 1.34 -0.08
C LEU B 166 -10.65 2.66 -0.68
N GLN B 167 -11.82 3.09 -0.20
CA GLN B 167 -12.34 4.38 -0.64
C GLN B 167 -11.30 5.50 -0.45
N ASN B 168 -10.66 5.51 0.72
CA ASN B 168 -9.72 6.58 1.03
C ASN B 168 -8.48 6.48 0.12
N LEU B 169 -8.00 5.27 -0.14
CA LEU B 169 -6.86 5.08 -1.05
C LEU B 169 -7.22 5.62 -2.45
N VAL B 170 -8.38 5.21 -2.96
CA VAL B 170 -8.79 5.70 -4.30
C VAL B 170 -8.91 7.21 -4.32
N ALA B 171 -9.52 7.78 -3.28
CA ALA B 171 -9.77 9.17 -3.32
C ALA B 171 -8.50 10.00 -3.37
N LYS B 172 -7.40 9.49 -2.81
CA LYS B 172 -6.09 10.16 -2.82
C LYS B 172 -5.37 10.10 -4.16
N THR B 173 -5.79 9.23 -5.07
CA THR B 173 -5.11 9.11 -6.35
C THR B 173 -5.32 10.37 -7.20
N PRO B 174 -4.36 10.67 -8.09
CA PRO B 174 -4.61 11.76 -9.07
C PRO B 174 -5.72 11.39 -10.05
N GLY B 175 -6.26 12.40 -10.73
CA GLY B 175 -7.27 12.17 -11.73
C GLY B 175 -8.66 12.05 -11.16
N ASN B 176 -9.65 12.31 -12.01
CA ASN B 176 -11.04 12.14 -11.66
C ASN B 176 -11.45 10.70 -11.85
N THR B 177 -10.92 9.84 -10.95
CA THR B 177 -11.11 8.41 -11.01
C THR B 177 -12.14 7.97 -9.95
N PHE B 178 -12.82 6.86 -10.27
CA PHE B 178 -13.86 6.33 -9.47
C PHE B 178 -14.06 4.85 -9.69
N LEU B 179 -14.69 4.19 -8.71
CA LEU B 179 -14.93 2.76 -8.80
C LEU B 179 -16.38 2.46 -8.60
N PHE B 180 -16.87 1.49 -9.37
CA PHE B 180 -18.19 0.86 -9.15
C PHE B 180 -18.01 -0.53 -8.62
N ASP B 181 -18.96 -0.98 -7.80
CA ASP B 181 -18.93 -2.32 -7.29
C ASP B 181 -19.55 -3.30 -8.30
N GLN B 182 -19.64 -4.55 -7.90
CA GLN B 182 -20.09 -5.63 -8.77
C GLN B 182 -21.55 -5.42 -9.24
N LYS B 183 -22.32 -4.63 -8.48
CA LYS B 183 -23.72 -4.37 -8.83
C LYS B 183 -23.84 -3.08 -9.66
N ASN B 184 -22.70 -2.51 -10.06
CA ASN B 184 -22.65 -1.28 -10.83
C ASN B 184 -23.22 -0.12 -10.02
N LYS B 185 -22.96 -0.17 -8.72
CA LYS B 185 -23.22 0.97 -7.84
C LYS B 185 -21.92 1.70 -7.50
N ILE B 186 -21.98 3.02 -7.47
CA ILE B 186 -20.79 3.80 -7.16
C ILE B 186 -20.25 3.37 -5.78
N PHE B 187 -18.93 3.28 -5.68
CA PHE B 187 -18.30 2.71 -4.50
C PHE B 187 -17.21 3.60 -3.95
N ALA B 188 -16.38 4.20 -4.80
CA ALA B 188 -15.30 5.10 -4.34
C ALA B 188 -15.08 6.17 -5.40
N ALA B 189 -14.55 7.31 -4.99
CA ALA B 189 -14.31 8.40 -5.94
C ALA B 189 -13.33 9.42 -5.39
N THR B 190 -12.47 9.96 -6.24
CA THR B 190 -11.68 11.13 -5.90
C THR B 190 -12.57 12.31 -5.61
N ASN B 191 -13.53 12.56 -6.49
CA ASN B 191 -14.51 13.61 -6.23
C ASN B 191 -15.65 13.00 -5.43
N LYS B 192 -15.65 13.24 -4.11
CA LYS B 192 -16.59 12.54 -3.27
C LYS B 192 -18.05 12.91 -3.57
N GLU B 193 -18.29 13.94 -4.41
CA GLU B 193 -19.66 14.22 -4.81
C GLU B 193 -20.25 13.08 -5.66
N LEU B 194 -19.44 12.39 -6.43
CA LEU B 194 -19.87 11.31 -7.27
C LEU B 194 -20.52 10.22 -6.45
N LEU B 195 -20.22 10.16 -5.13
CA LEU B 195 -20.79 9.11 -4.27
C LEU B 195 -22.25 9.34 -3.90
N ASN B 196 -22.75 10.56 -4.06
CA ASN B 196 -24.11 10.85 -3.69
C ASN B 196 -25.06 10.06 -4.58
N PRO B 197 -26.12 9.49 -4.00
CA PRO B 197 -27.02 8.65 -4.80
C PRO B 197 -27.83 9.37 -5.83
N SER B 198 -27.86 10.70 -5.77
CA SER B 198 -28.59 11.47 -6.76
C SER B 198 -27.79 11.66 -8.05
N ILE B 199 -26.52 11.29 -8.08
CA ILE B 199 -25.71 11.39 -9.29
C ILE B 199 -26.11 10.24 -10.20
N ASP B 200 -26.44 10.57 -11.46
CA ASP B 200 -26.78 9.56 -12.45
C ASP B 200 -25.54 9.06 -13.16
N HIS B 201 -25.11 7.85 -12.79
CA HIS B 201 -23.99 7.20 -13.44
C HIS B 201 -24.38 6.32 -14.63
N SER B 202 -25.65 6.31 -14.99
N SER B 202 -25.64 6.30 -15.00
CA SER B 202 -26.08 5.49 -16.12
CA SER B 202 -26.03 5.45 -16.13
C SER B 202 -25.39 5.89 -17.43
C SER B 202 -25.37 5.89 -17.46
N PRO B 203 -25.19 7.19 -17.69
CA PRO B 203 -24.56 7.51 -18.97
C PRO B 203 -23.14 6.95 -19.09
N VAL B 204 -22.31 7.12 -18.05
CA VAL B 204 -20.97 6.54 -18.13
C VAL B 204 -21.00 5.01 -18.25
N LEU B 205 -21.79 4.34 -17.44
CA LEU B 205 -21.89 2.89 -17.48
C LEU B 205 -22.42 2.35 -18.80
N ASN B 206 -23.40 3.03 -19.35
CA ASN B 206 -23.97 2.59 -20.63
C ASN B 206 -22.96 2.76 -21.78
N ALA B 207 -22.16 3.84 -21.72
CA ALA B 207 -21.12 4.04 -22.70
C ALA B 207 -20.00 3.03 -22.56
N TYR B 208 -19.61 2.74 -21.31
CA TYR B 208 -18.62 1.70 -21.10
C TYR B 208 -19.05 0.35 -21.69
N LYS B 209 -20.33 0.01 -21.54
CA LYS B 209 -20.83 -1.28 -22.04
C LYS B 209 -20.55 -1.42 -23.53
N LEU B 210 -20.57 -0.31 -24.26
CA LEU B 210 -20.34 -0.35 -25.71
C LEU B 210 -18.87 -0.47 -26.08
N ASN B 211 -17.99 -0.16 -25.13
CA ASN B 211 -16.61 0.11 -25.45
C ASN B 211 -15.54 -0.84 -25.00
N GLY B 212 -15.71 -1.43 -23.85
CA GLY B 212 -14.61 -2.23 -23.39
C GLY B 212 -13.37 -1.55 -22.84
N ASP B 213 -12.52 -2.35 -22.24
CA ASP B 213 -11.59 -1.84 -21.26
C ASP B 213 -10.54 -0.89 -21.85
N ASN B 214 -10.43 0.27 -21.20
N ASN B 214 -10.34 0.23 -21.20
CA ASN B 214 -9.42 1.28 -21.46
CA ASN B 214 -9.33 1.21 -21.58
C ASN B 214 -9.61 1.96 -22.81
C ASN B 214 -9.61 1.98 -22.86
N ASN B 215 -10.78 1.79 -23.44
CA ASN B 215 -11.12 2.49 -24.67
C ASN B 215 -11.92 3.75 -24.36
N PHE B 216 -11.47 4.88 -24.88
CA PHE B 216 -12.13 6.15 -24.61
C PHE B 216 -13.42 6.32 -25.37
N PHE B 217 -14.41 6.87 -24.68
CA PHE B 217 -15.74 7.07 -25.21
C PHE B 217 -16.29 8.44 -24.82
N SER B 218 -17.17 8.97 -25.66
CA SER B 218 -17.94 10.15 -25.33
C SER B 218 -19.22 9.76 -24.65
N TYR B 219 -19.65 10.63 -23.75
CA TYR B 219 -20.99 10.50 -23.13
C TYR B 219 -21.42 11.88 -22.66
N LYS B 220 -22.69 12.00 -22.34
CA LYS B 220 -23.27 13.25 -21.90
C LYS B 220 -24.00 13.10 -20.58
N LEU B 221 -23.84 14.07 -19.70
CA LEU B 221 -24.66 14.16 -18.48
C LEU B 221 -25.07 15.61 -18.19
N ASN B 222 -26.35 15.84 -17.92
CA ASN B 222 -26.85 17.22 -17.68
C ASN B 222 -26.42 18.18 -18.83
N ASN B 223 -26.44 17.67 -20.06
CA ASN B 223 -26.09 18.46 -21.25
C ASN B 223 -24.63 18.90 -21.36
N GLU B 224 -23.76 18.26 -20.58
CA GLU B 224 -22.33 18.46 -20.67
C GLU B 224 -21.73 17.24 -21.39
N GLU B 225 -21.02 17.48 -22.49
CA GLU B 225 -20.22 16.43 -23.15
C GLU B 225 -18.97 16.11 -22.34
N ARG B 226 -18.67 14.83 -22.21
CA ARG B 226 -17.55 14.33 -21.41
C ARG B 226 -16.86 13.21 -22.17
N LEU B 227 -15.66 12.88 -21.71
CA LEU B 227 -14.88 11.78 -22.26
C LEU B 227 -14.51 10.88 -21.09
N GLY B 228 -14.69 9.60 -21.28
CA GLY B 228 -14.38 8.60 -20.24
C GLY B 228 -13.65 7.39 -20.75
N ALA B 229 -13.12 6.61 -19.82
CA ALA B 229 -12.66 5.24 -20.09
C ALA B 229 -12.79 4.46 -18.78
N CYS B 230 -13.15 3.21 -18.90
CA CYS B 230 -13.25 2.32 -17.75
C CYS B 230 -12.56 1.01 -18.02
N THR B 231 -12.28 0.28 -16.94
CA THR B 231 -11.72 -1.03 -17.01
C THR B 231 -12.21 -1.88 -15.85
N LYS B 232 -12.30 -3.17 -16.06
CA LYS B 232 -12.64 -4.11 -14.99
C LYS B 232 -11.39 -4.32 -14.15
N VAL B 233 -11.56 -4.34 -12.83
CA VAL B 233 -10.50 -4.67 -11.89
C VAL B 233 -11.12 -5.61 -10.85
N PHE B 234 -10.86 -6.90 -10.99
CA PHE B 234 -11.65 -7.93 -10.31
C PHE B 234 -13.14 -7.70 -10.61
N ALA B 235 -13.98 -7.62 -9.58
CA ALA B 235 -15.40 -7.41 -9.80
C ALA B 235 -15.77 -5.93 -9.96
N TYR B 236 -14.83 -5.04 -9.65
CA TYR B 236 -15.07 -3.61 -9.73
C TYR B 236 -14.94 -3.13 -11.14
N THR B 237 -15.51 -1.97 -11.40
CA THR B 237 -15.25 -1.19 -12.62
C THR B 237 -14.60 0.13 -12.22
N ALA B 238 -13.39 0.39 -12.71
CA ALA B 238 -12.68 1.61 -12.47
C ALA B 238 -12.83 2.50 -13.70
N CYS B 239 -13.11 3.78 -13.45
CA CYS B 239 -13.29 4.75 -14.52
C CYS B 239 -12.53 6.01 -14.29
N ILE B 240 -12.24 6.74 -15.36
CA ILE B 240 -11.78 8.11 -15.34
C ILE B 240 -12.60 8.92 -16.34
N THR B 241 -13.02 10.12 -15.95
CA THR B 241 -13.73 10.99 -16.88
C THR B 241 -13.24 12.39 -16.79
N GLU B 242 -13.45 13.18 -17.85
CA GLU B 242 -13.18 14.57 -17.87
C GLU B 242 -14.20 15.27 -18.76
N SER B 243 -14.36 16.57 -18.53
N SER B 243 -14.41 16.57 -18.50
N SER B 243 -14.47 16.54 -18.52
CA SER B 243 -15.14 17.43 -19.42
CA SER B 243 -15.21 17.41 -19.39
CA SER B 243 -15.34 17.24 -19.44
C SER B 243 -14.55 17.48 -20.81
C SER B 243 -14.57 17.48 -20.78
C SER B 243 -14.61 17.46 -20.77
N ALA B 244 -15.40 17.45 -21.83
CA ALA B 244 -14.89 17.67 -23.19
C ALA B 244 -14.17 19.01 -23.32
N ASP B 245 -14.65 20.01 -22.57
CA ASP B 245 -14.05 21.33 -22.60
C ASP B 245 -12.77 21.48 -21.78
N ILE B 246 -12.39 20.44 -21.06
N ILE B 246 -12.40 20.43 -21.05
CA ILE B 246 -11.06 20.39 -20.46
CA ILE B 246 -11.05 20.35 -20.45
C ILE B 246 -10.10 19.53 -21.29
C ILE B 246 -10.10 19.57 -21.35
N ILE B 247 -10.63 18.51 -21.94
CA ILE B 247 -9.84 17.70 -22.90
C ILE B 247 -9.42 18.58 -24.10
N ASN B 248 -10.37 19.39 -24.60
CA ASN B 248 -10.13 20.34 -25.68
C ASN B 248 -10.62 21.72 -25.26
N LYS B 249 -9.73 22.51 -24.65
CA LYS B 249 -10.10 23.79 -24.02
C LYS B 249 -10.48 24.78 -25.14
N PRO B 250 -11.72 25.27 -25.12
CA PRO B 250 -12.12 26.13 -26.24
C PRO B 250 -11.48 27.48 -26.13
N ILE B 251 -11.17 28.08 -27.26
N ILE B 251 -11.16 28.09 -27.28
CA ILE B 251 -10.68 29.44 -27.29
CA ILE B 251 -10.65 29.45 -27.30
C ILE B 251 -11.73 30.40 -26.73
C ILE B 251 -11.72 30.48 -26.86
N TYR B 252 -12.98 30.15 -27.10
CA TYR B 252 -14.11 30.95 -26.63
C TYR B 252 -15.02 30.05 -25.80
N LYS B 253 -15.14 30.39 -24.52
CA LYS B 253 -15.89 29.59 -23.55
C LYS B 253 -17.38 29.77 -23.81
N ALA B 254 -18.14 28.69 -23.60
N ALA B 254 -18.14 28.72 -23.50
CA ALA B 254 -19.57 28.74 -23.84
CA ALA B 254 -19.57 28.72 -23.77
C ALA B 254 -20.25 29.62 -22.81
C ALA B 254 -20.26 29.83 -22.97
#